data_5II0
#
_entry.id   5II0
#
_cell.length_a   96.558
_cell.length_b   113.165
_cell.length_c   55.424
_cell.angle_alpha   90.00
_cell.angle_beta   114.79
_cell.angle_gamma   90.00
#
_symmetry.space_group_name_H-M   'C 1 2 1'
#
loop_
_entity.id
_entity.type
_entity.pdbx_description
1 polymer 'Calcitonin receptor'
2 polymer Calcitonin
3 non-polymer 'SODIUM ION'
4 non-polymer UREA
5 water water
#
loop_
_entity_poly.entity_id
_entity_poly.type
_entity_poly.pdbx_seq_one_letter_code
_entity_poly.pdbx_strand_id
1 'polypeptide(L)'
;GSAFSNQTYPTIEPKPFLYVVGRKKMMDAQYKCYDRMQQLPAYQGEGPYCNRTWDGWLCWDDTPAGVLSYQFCPDYFPDF
DPSEKVTKYCDEKGVWFKHPENNRTWSNYTMCNAFTPEKLKN
;
A,B,C
2 'polypeptide(L)' VLGKLSQELHKLQT(4BF)PRTNTGSGT(LPD) D,E,F
#
# COMPACT_ATOMS: atom_id res chain seq x y z
N LEU A 18 18.95 -19.91 -13.13
CA LEU A 18 18.14 -19.15 -12.18
C LEU A 18 16.92 -18.54 -12.85
N TYR A 19 16.87 -18.62 -14.19
CA TYR A 19 15.73 -18.11 -14.94
C TYR A 19 14.62 -19.16 -14.93
N VAL A 20 15.01 -20.41 -14.73
CA VAL A 20 14.03 -21.48 -14.67
C VAL A 20 13.25 -21.28 -13.38
N VAL A 21 13.97 -20.88 -12.34
CA VAL A 21 13.36 -20.71 -11.03
C VAL A 21 12.49 -19.45 -11.01
N GLY A 22 12.94 -18.40 -11.68
CA GLY A 22 12.19 -17.16 -11.74
C GLY A 22 10.87 -17.36 -12.46
N ARG A 23 10.87 -18.10 -13.56
CA ARG A 23 9.64 -18.36 -14.30
C ARG A 23 8.66 -19.16 -13.45
N LYS A 24 9.18 -20.13 -12.71
CA LYS A 24 8.36 -20.95 -11.86
C LYS A 24 7.71 -20.10 -10.77
N LYS A 25 8.50 -19.19 -10.19
CA LYS A 25 7.98 -18.27 -9.19
C LYS A 25 6.87 -17.42 -9.78
N MET A 26 7.09 -16.95 -11.01
CA MET A 26 6.10 -16.12 -11.69
C MET A 26 4.80 -16.88 -11.95
N MET A 27 4.91 -18.14 -12.36
CA MET A 27 3.73 -18.96 -12.66
CA MET A 27 3.70 -18.91 -12.65
C MET A 27 2.95 -19.31 -11.38
N ASP A 28 3.68 -19.57 -10.31
CA ASP A 28 3.04 -19.78 -9.02
C ASP A 28 2.28 -18.52 -8.58
N ALA A 29 2.90 -17.35 -8.73
CA ALA A 29 2.23 -16.11 -8.29
C ALA A 29 0.97 -15.90 -9.13
N GLN A 30 1.06 -16.23 -10.41
CA GLN A 30 -0.09 -16.04 -11.30
C GLN A 30 -1.27 -16.91 -10.82
N TYR A 31 -0.98 -18.17 -10.51
CA TYR A 31 -2.02 -19.09 -10.07
C TYR A 31 -2.60 -18.57 -8.73
N LYS A 32 -1.70 -18.21 -7.82
CA LYS A 32 -2.11 -17.69 -6.51
C LYS A 32 -2.95 -16.41 -6.64
N CYS A 33 -2.61 -15.58 -7.62
CA CYS A 33 -3.36 -14.34 -7.83
C CYS A 33 -4.78 -14.68 -8.24
N TYR A 34 -4.96 -15.58 -9.20
CA TYR A 34 -6.33 -15.92 -9.60
C TYR A 34 -7.13 -16.60 -8.47
N ASP A 35 -6.46 -17.39 -7.64
CA ASP A 35 -7.13 -18.00 -6.50
C ASP A 35 -7.61 -16.89 -5.56
N ARG A 36 -6.76 -15.90 -5.32
CA ARG A 36 -7.06 -14.80 -4.41
C ARG A 36 -8.23 -13.98 -4.93
N MET A 37 -8.21 -13.70 -6.23
CA MET A 37 -9.24 -12.90 -6.86
C MET A 37 -10.56 -13.66 -6.90
N GLN A 38 -10.50 -14.99 -6.97
CA GLN A 38 -11.71 -15.80 -6.96
C GLN A 38 -12.34 -15.82 -5.58
N GLN A 39 -11.51 -15.84 -4.52
CA GLN A 39 -12.03 -16.08 -3.17
C GLN A 39 -12.46 -14.81 -2.42
N LEU A 40 -11.78 -13.69 -2.64
CA LEU A 40 -12.15 -12.45 -1.94
C LEU A 40 -13.52 -11.97 -2.39
N PRO A 41 -14.34 -11.52 -1.43
CA PRO A 41 -15.67 -10.98 -1.74
C PRO A 41 -15.57 -9.75 -2.63
N ALA A 42 -16.69 -9.35 -3.21
CA ALA A 42 -16.73 -8.14 -4.01
C ALA A 42 -16.30 -6.91 -3.20
N TYR A 43 -15.84 -5.88 -3.88
CA TYR A 43 -15.38 -4.65 -3.25
C TYR A 43 -16.45 -4.05 -2.32
N GLN A 44 -16.03 -3.71 -1.11
CA GLN A 44 -16.94 -3.17 -0.09
C GLN A 44 -16.85 -1.67 0.07
N GLY A 45 -15.95 -1.02 -0.66
CA GLY A 45 -15.75 0.40 -0.47
C GLY A 45 -16.81 1.22 -1.18
N GLU A 46 -16.61 2.53 -1.26
CA GLU A 46 -17.62 3.38 -1.88
C GLU A 46 -16.99 4.15 -3.02
N GLY A 47 -17.82 4.58 -3.97
CA GLY A 47 -17.34 5.30 -5.13
C GLY A 47 -16.58 4.41 -6.10
N PRO A 48 -16.07 5.02 -7.19
CA PRO A 48 -15.38 4.30 -8.26
C PRO A 48 -14.05 3.70 -7.82
N TYR A 49 -13.68 2.61 -8.47
CA TYR A 49 -12.49 1.86 -8.10
C TYR A 49 -11.96 1.02 -9.26
N CYS A 50 -10.67 0.69 -9.20
CA CYS A 50 -10.05 -0.19 -10.20
C CYS A 50 -10.12 -1.63 -9.73
N ASN A 51 -10.50 -2.52 -10.64
CA ASN A 51 -10.67 -3.95 -10.36
C ASN A 51 -9.37 -4.65 -10.06
N ARG A 52 -9.43 -5.57 -9.09
CA ARG A 52 -8.36 -6.54 -8.86
C ARG A 52 -7.87 -7.10 -10.21
N THR A 53 -6.56 -7.35 -10.34
CA THR A 53 -6.03 -7.82 -11.62
C THR A 53 -4.67 -8.47 -11.44
N TRP A 54 -4.39 -9.45 -12.30
CA TRP A 54 -3.03 -9.97 -12.49
C TRP A 54 -2.41 -9.16 -13.61
N ASP A 55 -1.30 -8.47 -13.38
CA ASP A 55 -0.79 -7.62 -14.45
C ASP A 55 0.24 -8.33 -15.34
N GLY A 56 0.53 -9.59 -15.05
CA GLY A 56 1.55 -10.32 -15.79
C GLY A 56 2.71 -10.73 -14.90
N TRP A 57 2.99 -9.93 -13.87
CA TRP A 57 4.07 -10.21 -12.91
C TRP A 57 3.59 -10.17 -11.44
N LEU A 58 2.56 -9.38 -11.17
CA LEU A 58 2.09 -9.17 -9.81
C LEU A 58 0.58 -9.10 -9.74
N CYS A 59 0.05 -9.47 -8.58
CA CYS A 59 -1.36 -9.40 -8.25
C CYS A 59 -1.67 -8.05 -7.59
N TRP A 60 -2.79 -7.43 -7.99
CA TRP A 60 -3.25 -6.16 -7.40
C TRP A 60 -4.70 -6.31 -6.93
N ASP A 61 -4.99 -5.82 -5.72
CA ASP A 61 -6.35 -5.84 -5.21
C ASP A 61 -7.25 -4.74 -5.79
N ASP A 62 -8.56 -4.84 -5.57
CA ASP A 62 -9.50 -3.73 -5.82
C ASP A 62 -8.87 -2.47 -5.19
N THR A 63 -8.88 -1.36 -5.91
CA THR A 63 -8.17 -0.14 -5.49
C THR A 63 -9.04 1.09 -5.71
N PRO A 64 -9.18 1.95 -4.70
CA PRO A 64 -10.04 3.15 -4.87
C PRO A 64 -9.54 4.07 -5.98
N ALA A 65 -10.46 4.79 -6.62
CA ALA A 65 -10.08 5.78 -7.64
C ALA A 65 -9.10 6.79 -7.06
N GLY A 66 -8.11 7.18 -7.86
CA GLY A 66 -7.16 8.20 -7.43
C GLY A 66 -6.03 7.75 -6.52
N VAL A 67 -5.86 6.44 -6.33
CA VAL A 67 -4.84 5.92 -5.42
C VAL A 67 -3.64 5.38 -6.22
N LEU A 68 -2.44 5.74 -5.79
CA LEU A 68 -1.23 5.12 -6.32
C LEU A 68 -0.88 3.95 -5.42
N SER A 69 -1.20 2.74 -5.88
CA SER A 69 -0.93 1.54 -5.10
C SER A 69 0.54 1.16 -5.31
N TYR A 70 1.11 0.46 -4.34
CA TYR A 70 2.48 -0.01 -4.46
C TYR A 70 2.69 -1.30 -3.67
N GLN A 71 3.72 -2.07 -4.04
CA GLN A 71 4.11 -3.27 -3.30
C GLN A 71 5.55 -3.58 -3.66
N PHE A 72 6.16 -4.57 -3.01
CA PHE A 72 7.56 -4.87 -3.31
C PHE A 72 7.75 -5.45 -4.73
N CYS A 73 8.90 -5.18 -5.32
CA CYS A 73 9.28 -5.79 -6.59
C CYS A 73 9.38 -7.30 -6.45
N PRO A 74 9.00 -8.06 -7.50
CA PRO A 74 9.17 -9.52 -7.45
C PRO A 74 10.63 -9.92 -7.65
N ASP A 75 10.96 -11.18 -7.40
CA ASP A 75 12.36 -11.61 -7.53
C ASP A 75 12.58 -12.55 -8.70
N TYR A 76 11.73 -12.44 -9.73
CA TYR A 76 11.81 -13.37 -10.86
C TYR A 76 13.09 -13.18 -11.66
N PHE A 77 13.60 -11.97 -11.69
CA PHE A 77 14.70 -11.62 -12.57
C PHE A 77 15.91 -11.25 -11.75
N PRO A 78 17.10 -11.66 -12.21
CA PRO A 78 18.35 -11.44 -11.49
C PRO A 78 18.71 -9.98 -11.26
N ASP A 79 18.25 -9.05 -12.09
CA ASP A 79 18.55 -7.65 -11.86
C ASP A 79 17.46 -6.94 -11.05
N PHE A 80 16.44 -7.67 -10.60
CA PHE A 80 15.42 -7.04 -9.76
C PHE A 80 15.78 -7.03 -8.29
N ASP A 81 15.61 -5.88 -7.66
CA ASP A 81 15.81 -5.72 -6.23
C ASP A 81 14.46 -5.85 -5.52
N PRO A 82 14.26 -6.97 -4.79
CA PRO A 82 12.97 -7.19 -4.15
C PRO A 82 12.67 -6.24 -2.99
N SER A 83 13.61 -5.37 -2.63
CA SER A 83 13.34 -4.38 -1.60
C SER A 83 12.88 -3.05 -2.22
N GLU A 84 12.93 -2.94 -3.56
CA GLU A 84 12.34 -1.75 -4.18
C GLU A 84 10.85 -1.94 -4.37
N LYS A 85 10.17 -0.87 -4.75
CA LYS A 85 8.72 -0.89 -4.90
C LYS A 85 8.25 -0.76 -6.34
N VAL A 86 7.14 -1.43 -6.62
CA VAL A 86 6.40 -1.30 -7.87
C VAL A 86 5.23 -0.40 -7.57
N THR A 87 4.89 0.50 -8.49
CA THR A 87 3.69 1.31 -8.33
C THR A 87 2.70 1.04 -9.45
N LYS A 88 1.42 1.26 -9.15
CA LYS A 88 0.35 1.11 -10.14
C LYS A 88 -0.72 2.14 -9.84
N TYR A 89 -1.03 2.97 -10.83
CA TYR A 89 -1.93 4.09 -10.57
C TYR A 89 -3.34 3.79 -11.01
N CYS A 90 -4.28 3.92 -10.06
CA CYS A 90 -5.70 3.83 -10.34
C CYS A 90 -6.23 5.24 -10.49
N ASP A 91 -6.67 5.62 -11.70
CA ASP A 91 -6.97 7.04 -11.90
C ASP A 91 -8.32 7.41 -11.30
N GLU A 92 -8.66 8.69 -11.42
CA GLU A 92 -9.81 9.22 -10.69
C GLU A 92 -11.14 8.76 -11.26
N LYS A 93 -11.14 8.13 -12.43
CA LYS A 93 -12.37 7.51 -12.91
C LYS A 93 -12.40 6.01 -12.58
N GLY A 94 -11.44 5.55 -11.79
CA GLY A 94 -11.38 4.15 -11.43
C GLY A 94 -10.92 3.31 -12.60
N VAL A 95 -10.00 3.86 -13.38
CA VAL A 95 -9.40 3.11 -14.48
C VAL A 95 -7.91 3.03 -14.26
N TRP A 96 -7.38 1.81 -14.33
CA TRP A 96 -5.95 1.59 -14.19
C TRP A 96 -5.18 2.34 -15.28
N PHE A 97 -4.06 2.96 -14.90
CA PHE A 97 -3.21 3.67 -15.85
C PHE A 97 -2.81 2.83 -17.08
N LYS A 98 -2.92 3.42 -18.26
CA LYS A 98 -2.45 2.75 -19.47
C LYS A 98 -1.27 3.48 -20.07
N HIS A 99 -0.25 2.73 -20.48
CA HIS A 99 0.94 3.29 -21.11
C HIS A 99 0.52 4.02 -22.40
N PRO A 100 0.95 5.28 -22.58
CA PRO A 100 0.51 6.05 -23.75
C PRO A 100 1.08 5.52 -25.08
N GLU A 101 2.16 4.76 -25.03
CA GLU A 101 2.77 4.20 -26.23
CA GLU A 101 2.76 4.22 -26.25
C GLU A 101 1.86 3.16 -26.90
N ASN A 102 1.29 2.25 -26.12
CA ASN A 102 0.47 1.22 -26.73
C ASN A 102 -0.94 1.11 -26.15
N ASN A 103 -1.28 2.05 -25.26
CA ASN A 103 -2.62 2.12 -24.66
C ASN A 103 -3.08 0.82 -23.99
N ARG A 104 -2.14 0.16 -23.33
CA ARG A 104 -2.46 -1.01 -22.51
C ARG A 104 -2.09 -0.73 -21.07
N THR A 105 -2.84 -1.32 -20.16
CA THR A 105 -2.62 -1.14 -18.71
C THR A 105 -1.17 -1.47 -18.35
N TRP A 106 -0.55 -0.63 -17.52
CA TRP A 106 0.88 -0.71 -17.28
C TRP A 106 1.23 -0.34 -15.85
N SER A 107 1.82 -1.29 -15.13
CA SER A 107 2.39 -1.06 -13.81
C SER A 107 3.82 -0.59 -13.97
N ASN A 108 4.28 0.15 -12.98
CA ASN A 108 5.60 0.78 -13.02
C ASN A 108 6.63 -0.03 -12.25
N TYR A 109 7.39 -0.85 -12.97
CA TYR A 109 8.47 -1.65 -12.40
C TYR A 109 9.84 -1.01 -12.53
N THR A 110 9.91 0.24 -12.99
CA THR A 110 11.21 0.82 -13.38
C THR A 110 12.20 0.93 -12.23
N MET A 111 11.72 1.06 -11.01
CA MET A 111 12.63 1.19 -9.87
C MET A 111 13.21 -0.19 -9.46
N CYS A 112 12.59 -1.27 -9.93
CA CYS A 112 13.07 -2.61 -9.57
C CYS A 112 14.52 -2.84 -10.01
N ASN A 113 14.91 -2.28 -11.16
CA ASN A 113 16.29 -2.43 -11.61
C ASN A 113 16.93 -1.09 -12.01
N ALA A 114 16.41 0.00 -11.45
CA ALA A 114 16.96 1.31 -11.77
C ALA A 114 18.41 1.46 -11.29
N PHE A 115 18.74 0.91 -10.13
CA PHE A 115 20.06 1.15 -9.55
C PHE A 115 20.96 -0.08 -9.53
N THR A 116 20.84 -0.95 -10.52
CA THR A 116 21.67 -2.16 -10.55
C THR A 116 22.98 -1.92 -11.31
N ILE B 12 -3.79 20.40 4.02
CA ILE B 12 -4.40 19.20 4.59
C ILE B 12 -5.33 18.53 3.58
N GLU B 13 -4.88 17.39 3.05
CA GLU B 13 -5.67 16.60 2.12
C GLU B 13 -5.29 15.13 2.26
N PRO B 14 -6.22 14.21 1.95
CA PRO B 14 -6.05 12.76 2.17
C PRO B 14 -4.67 12.21 1.78
N LYS B 15 -4.20 11.23 2.55
CA LYS B 15 -2.92 10.60 2.28
C LYS B 15 -3.08 9.08 2.17
N PRO B 16 -3.63 8.61 1.04
CA PRO B 16 -3.89 7.18 0.84
C PRO B 16 -2.63 6.34 0.97
N PHE B 17 -1.48 6.91 0.62
CA PHE B 17 -0.20 6.20 0.73
C PHE B 17 0.13 5.73 2.15
N LEU B 18 -0.45 6.39 3.16
CA LEU B 18 -0.25 5.94 4.55
C LEU B 18 -0.83 4.54 4.82
N TYR B 19 -1.94 4.23 4.15
CA TYR B 19 -2.66 3.00 4.41
C TYR B 19 -2.39 1.83 3.46
N VAL B 20 -1.45 1.97 2.52
CA VAL B 20 -1.25 0.91 1.52
C VAL B 20 -0.67 -0.37 2.12
N VAL B 21 0.30 -0.25 3.02
CA VAL B 21 0.95 -1.45 3.52
C VAL B 21 0.04 -2.20 4.50
N GLY B 22 -0.66 -1.45 5.34
CA GLY B 22 -1.58 -2.06 6.29
C GLY B 22 -2.75 -2.70 5.59
N ARG B 23 -3.27 -2.03 4.56
CA ARG B 23 -4.39 -2.59 3.82
C ARG B 23 -4.01 -3.91 3.14
N LYS B 24 -2.80 -3.98 2.59
CA LYS B 24 -2.34 -5.20 1.94
C LYS B 24 -2.24 -6.35 2.94
N LYS B 25 -1.70 -6.07 4.12
CA LYS B 25 -1.63 -7.08 5.17
C LYS B 25 -3.05 -7.57 5.53
N MET B 26 -3.97 -6.63 5.66
CA MET B 26 -5.37 -6.94 5.93
CA MET B 26 -5.36 -6.98 5.95
C MET B 26 -5.95 -7.86 4.86
N MET B 27 -5.73 -7.50 3.61
CA MET B 27 -6.31 -8.27 2.49
C MET B 27 -5.66 -9.64 2.36
N ASP B 28 -4.36 -9.71 2.65
CA ASP B 28 -3.68 -11.01 2.65
C ASP B 28 -4.36 -11.92 3.65
N ALA B 29 -4.59 -11.37 4.85
CA ALA B 29 -5.21 -12.12 5.93
C ALA B 29 -6.64 -12.47 5.59
N GLN B 30 -7.37 -11.53 4.97
CA GLN B 30 -8.75 -11.79 4.54
C GLN B 30 -8.77 -12.95 3.55
N TYR B 31 -7.86 -12.94 2.60
CA TYR B 31 -7.77 -14.05 1.64
C TYR B 31 -7.47 -15.39 2.33
N LYS B 32 -6.49 -15.41 3.23
CA LYS B 32 -6.18 -16.63 3.96
C LYS B 32 -7.38 -17.14 4.76
N CYS B 33 -8.16 -16.22 5.31
CA CYS B 33 -9.33 -16.59 6.09
C CYS B 33 -10.39 -17.24 5.21
N TYR B 34 -10.69 -16.65 4.07
CA TYR B 34 -11.72 -17.21 3.19
C TYR B 34 -11.28 -18.59 2.69
N ASP B 35 -9.98 -18.72 2.44
CA ASP B 35 -9.42 -20.03 2.06
C ASP B 35 -9.58 -21.02 3.22
N ARG B 36 -9.23 -20.59 4.43
CA ARG B 36 -9.29 -21.45 5.61
C ARG B 36 -10.73 -21.87 5.89
N MET B 37 -11.66 -20.94 5.75
CA MET B 37 -13.05 -21.26 6.05
C MET B 37 -13.59 -22.28 5.06
N GLN B 38 -13.06 -22.28 3.84
CA GLN B 38 -13.42 -23.30 2.85
C GLN B 38 -12.79 -24.65 3.12
N GLN B 39 -11.55 -24.66 3.61
CA GLN B 39 -10.82 -25.92 3.67
C GLN B 39 -11.18 -26.74 4.90
N LEU B 40 -11.42 -26.08 6.03
CA LEU B 40 -11.77 -26.80 7.22
C LEU B 40 -13.17 -27.40 7.11
N PRO B 41 -13.34 -28.62 7.62
CA PRO B 41 -14.61 -29.36 7.63
C PRO B 41 -15.70 -28.62 8.36
N ALA B 42 -16.95 -29.04 8.17
CA ALA B 42 -18.06 -28.49 8.92
C ALA B 42 -17.82 -28.73 10.41
N TYR B 43 -18.52 -27.99 11.27
CA TYR B 43 -18.36 -28.15 12.72
C TYR B 43 -18.52 -29.60 13.14
N GLN B 44 -17.60 -30.07 13.99
CA GLN B 44 -17.50 -31.47 14.39
C GLN B 44 -18.18 -31.73 15.73
N GLY B 45 -18.37 -30.67 16.50
CA GLY B 45 -18.92 -30.79 17.83
C GLY B 45 -20.43 -30.95 17.88
N GLU B 46 -20.99 -30.73 19.06
CA GLU B 46 -22.42 -30.85 19.29
C GLU B 46 -22.95 -29.61 20.00
N GLY B 47 -24.26 -29.40 19.92
CA GLY B 47 -24.90 -28.28 20.58
C GLY B 47 -24.58 -26.93 19.95
N PRO B 48 -24.87 -25.84 20.68
CA PRO B 48 -24.72 -24.51 20.07
C PRO B 48 -23.26 -24.14 19.84
N TYR B 49 -23.00 -23.39 18.78
CA TYR B 49 -21.66 -22.98 18.44
C TYR B 49 -21.81 -21.75 17.53
N CYS B 50 -20.79 -20.91 17.53
CA CYS B 50 -20.76 -19.74 16.65
C CYS B 50 -20.01 -20.06 15.36
N ASN B 51 -20.57 -19.69 14.20
CA ASN B 51 -19.97 -19.99 12.88
C ASN B 51 -18.68 -19.22 12.62
N ARG B 52 -17.70 -19.90 12.03
CA ARG B 52 -16.50 -19.27 11.50
C ARG B 52 -16.81 -17.97 10.76
N THR B 53 -15.91 -17.01 10.88
CA THR B 53 -16.19 -15.71 10.31
C THR B 53 -14.93 -14.86 10.18
N TRP B 54 -14.90 -14.01 9.16
CA TRP B 54 -13.92 -12.93 9.04
C TRP B 54 -14.52 -11.68 9.67
N ASP B 55 -13.88 -11.12 10.69
CA ASP B 55 -14.52 -10.00 11.37
C ASP B 55 -14.12 -8.65 10.77
N GLY B 56 -13.27 -8.66 9.75
CA GLY B 56 -12.77 -7.41 9.20
C GLY B 56 -11.27 -7.25 9.40
N TRP B 57 -10.74 -7.85 10.46
CA TRP B 57 -9.31 -7.80 10.77
C TRP B 57 -8.71 -9.20 10.99
N LEU B 58 -9.51 -10.14 11.48
CA LEU B 58 -9.01 -11.48 11.83
C LEU B 58 -10.01 -12.56 11.52
N CYS B 59 -9.48 -13.77 11.31
CA CYS B 59 -10.27 -14.95 11.04
C CYS B 59 -10.65 -15.65 12.34
N TRP B 60 -11.91 -16.05 12.46
CA TRP B 60 -12.33 -16.81 13.64
C TRP B 60 -12.95 -18.11 13.19
N ASP B 61 -12.49 -19.20 13.78
CA ASP B 61 -12.99 -20.54 13.51
C ASP B 61 -14.33 -20.80 14.19
N ASP B 62 -14.99 -21.90 13.83
CA ASP B 62 -16.12 -22.43 14.60
C ASP B 62 -15.78 -22.49 16.08
N THR B 63 -16.67 -21.99 16.92
CA THR B 63 -16.38 -21.87 18.33
C THR B 63 -17.60 -22.32 19.13
N PRO B 64 -17.39 -23.20 20.14
CA PRO B 64 -18.49 -23.66 20.99
C PRO B 64 -19.14 -22.51 21.78
N ALA B 65 -20.43 -22.62 22.04
CA ALA B 65 -21.14 -21.68 22.90
C ALA B 65 -20.46 -21.54 24.26
N GLY B 66 -20.47 -20.32 24.81
CA GLY B 66 -19.90 -20.07 26.12
C GLY B 66 -18.40 -19.93 26.16
N VAL B 67 -17.77 -19.81 24.99
CA VAL B 67 -16.31 -19.73 24.93
C VAL B 67 -15.79 -18.32 24.58
N LEU B 68 -14.80 -17.85 25.33
CA LEU B 68 -14.03 -16.67 24.97
C LEU B 68 -12.82 -17.12 24.17
N SER B 69 -12.89 -16.94 22.86
CA SER B 69 -11.81 -17.35 21.96
C SER B 69 -10.70 -16.30 21.92
N TYR B 70 -9.46 -16.71 21.70
CA TYR B 70 -8.43 -15.67 21.65
C TYR B 70 -7.39 -16.03 20.61
N GLN B 71 -6.69 -15.01 20.15
CA GLN B 71 -5.54 -15.14 19.25
C GLN B 71 -4.72 -13.85 19.32
N PHE B 72 -3.55 -13.86 18.69
CA PHE B 72 -2.67 -12.69 18.73
C PHE B 72 -3.22 -11.51 17.95
N CYS B 73 -2.90 -10.30 18.40
CA CYS B 73 -3.24 -9.07 17.67
C CYS B 73 -2.57 -9.07 16.30
N PRO B 74 -3.22 -8.48 15.29
CA PRO B 74 -2.58 -8.36 13.98
C PRO B 74 -1.58 -7.20 13.96
N ASP B 75 -0.79 -7.08 12.90
CA ASP B 75 0.24 -6.04 12.85
C ASP B 75 -0.09 -4.94 11.82
N TYR B 76 -1.37 -4.74 11.54
CA TYR B 76 -1.77 -3.80 10.48
C TYR B 76 -1.43 -2.36 10.84
N PHE B 77 -1.43 -2.07 12.14
CA PHE B 77 -1.30 -0.69 12.60
C PHE B 77 -0.06 -0.49 13.46
N PRO B 78 0.56 0.68 13.31
CA PRO B 78 1.79 0.96 14.07
C PRO B 78 1.58 0.89 15.58
N ASP B 79 0.37 1.17 16.08
CA ASP B 79 0.14 1.12 17.52
C ASP B 79 -0.36 -0.24 18.03
N PHE B 80 -0.52 -1.22 17.14
CA PHE B 80 -0.87 -2.57 17.56
C PHE B 80 0.37 -3.36 17.97
N ASP B 81 0.29 -4.02 19.11
CA ASP B 81 1.33 -4.92 19.61
C ASP B 81 0.94 -6.36 19.31
N PRO B 82 1.64 -7.00 18.36
CA PRO B 82 1.29 -8.36 17.93
C PRO B 82 1.51 -9.43 19.01
N SER B 83 2.06 -9.05 20.15
CA SER B 83 2.23 -10.02 21.22
C SER B 83 1.05 -9.95 22.18
N GLU B 84 0.18 -8.95 22.04
CA GLU B 84 -1.03 -8.89 22.86
C GLU B 84 -2.13 -9.75 22.22
N LYS B 85 -3.24 -9.94 22.93
CA LYS B 85 -4.30 -10.84 22.49
C LYS B 85 -5.57 -10.08 22.08
N VAL B 86 -6.28 -10.64 21.11
CA VAL B 86 -7.61 -10.27 20.73
C VAL B 86 -8.56 -11.33 21.26
N THR B 87 -9.73 -10.94 21.76
CA THR B 87 -10.71 -11.96 22.17
C THR B 87 -12.03 -11.81 21.42
N LYS B 88 -12.79 -12.90 21.34
CA LYS B 88 -14.12 -12.87 20.73
C LYS B 88 -14.97 -13.88 21.47
N TYR B 89 -16.10 -13.42 22.00
CA TYR B 89 -16.95 -14.25 22.85
C TYR B 89 -18.09 -14.83 22.05
N CYS B 90 -18.21 -16.15 22.14
CA CYS B 90 -19.34 -16.89 21.58
C CYS B 90 -20.36 -17.14 22.71
N ASP B 91 -21.56 -16.57 22.62
CA ASP B 91 -22.43 -16.63 23.79
C ASP B 91 -23.08 -18.00 23.95
N GLU B 92 -23.90 -18.12 24.99
CA GLU B 92 -24.40 -19.38 25.49
C GLU B 92 -25.39 -19.98 24.48
N LYS B 93 -25.89 -19.13 23.60
CA LYS B 93 -26.76 -19.59 22.51
C LYS B 93 -26.03 -19.83 21.19
N GLY B 94 -24.71 -19.71 21.18
CA GLY B 94 -23.97 -19.89 19.94
C GLY B 94 -24.15 -18.70 19.00
N VAL B 95 -24.24 -17.50 19.56
CA VAL B 95 -24.30 -16.26 18.77
C VAL B 95 -23.09 -15.42 19.21
N TRP B 96 -22.33 -14.93 18.23
CA TRP B 96 -21.16 -14.11 18.51
C TRP B 96 -21.56 -12.85 19.28
N PHE B 97 -20.72 -12.48 20.24
CA PHE B 97 -20.93 -11.28 21.05
C PHE B 97 -21.20 -10.03 20.22
N LYS B 98 -22.16 -9.24 20.69
CA LYS B 98 -22.49 -7.95 20.10
C LYS B 98 -22.12 -6.83 21.08
N HIS B 99 -21.48 -5.77 20.59
CA HIS B 99 -21.08 -4.66 21.46
C HIS B 99 -22.31 -4.06 22.16
N PRO B 100 -22.22 -3.81 23.47
CA PRO B 100 -23.39 -3.30 24.19
C PRO B 100 -23.81 -1.88 23.75
N GLU B 101 -22.94 -1.14 23.05
CA GLU B 101 -23.32 0.19 22.58
C GLU B 101 -24.22 0.21 21.34
N ASN B 102 -23.84 -0.54 20.32
CA ASN B 102 -24.55 -0.45 19.04
C ASN B 102 -25.12 -1.77 18.60
N ASN B 103 -24.96 -2.79 19.45
CA ASN B 103 -25.49 -4.12 19.20
CA ASN B 103 -25.48 -4.13 19.20
C ASN B 103 -24.99 -4.73 17.88
N ARG B 104 -23.75 -4.43 17.51
CA ARG B 104 -23.19 -5.05 16.32
C ARG B 104 -22.10 -6.02 16.75
N THR B 105 -21.98 -7.11 16.00
CA THR B 105 -20.99 -8.14 16.27
C THR B 105 -19.62 -7.53 16.38
N TRP B 106 -18.90 -7.85 17.45
CA TRP B 106 -17.69 -7.13 17.82
C TRP B 106 -16.66 -7.99 18.53
N SER B 107 -15.46 -8.05 17.97
CA SER B 107 -14.32 -8.66 18.65
C SER B 107 -13.59 -7.57 19.46
N ASN B 108 -12.90 -7.99 20.51
CA ASN B 108 -12.21 -7.10 21.43
C ASN B 108 -10.71 -6.99 21.11
N TYR B 109 -10.34 -5.93 20.41
CA TYR B 109 -8.97 -5.59 20.06
C TYR B 109 -8.37 -4.56 21.03
N THR B 110 -9.08 -4.24 22.11
CA THR B 110 -8.68 -3.10 22.95
C THR B 110 -7.30 -3.28 23.61
N MET B 111 -6.88 -4.52 23.82
CA MET B 111 -5.56 -4.77 24.42
C MET B 111 -4.41 -4.62 23.42
N CYS B 112 -4.73 -4.63 22.12
CA CYS B 112 -3.70 -4.49 21.09
C CYS B 112 -2.95 -3.16 21.17
N ASN B 113 -3.64 -2.08 21.53
CA ASN B 113 -2.98 -0.78 21.65
C ASN B 113 -3.28 -0.07 22.97
N ALA B 114 -3.62 -0.84 24.01
CA ALA B 114 -3.87 -0.26 25.32
C ALA B 114 -2.59 0.35 25.90
N PHE C 17 21.03 23.58 -24.73
CA PHE C 17 21.40 24.97 -25.01
C PHE C 17 20.88 25.93 -23.93
N LEU C 18 19.78 25.55 -23.27
CA LEU C 18 19.25 26.25 -22.11
C LEU C 18 18.04 25.49 -21.57
N TYR C 19 17.88 25.49 -20.25
CA TYR C 19 16.69 24.91 -19.63
C TYR C 19 15.67 25.99 -19.36
N VAL C 20 14.39 25.70 -19.62
CA VAL C 20 13.29 26.63 -19.34
C VAL C 20 12.75 26.31 -17.94
N VAL C 21 12.65 27.32 -17.06
CA VAL C 21 12.23 27.05 -15.68
C VAL C 21 11.33 28.13 -15.07
N GLY C 22 10.18 27.72 -14.55
CA GLY C 22 9.32 28.60 -13.76
C GLY C 22 9.88 28.79 -12.36
N ARG C 23 10.96 29.57 -12.24
CA ARG C 23 11.62 29.78 -10.95
C ARG C 23 10.71 30.42 -9.90
N LYS C 24 9.87 31.36 -10.34
CA LYS C 24 8.96 32.01 -9.39
C LYS C 24 8.00 31.00 -8.77
N LYS C 25 7.42 30.13 -9.58
CA LYS C 25 6.54 29.08 -9.06
C LYS C 25 7.27 28.19 -8.06
N MET C 26 8.52 27.86 -8.37
CA MET C 26 9.33 27.01 -7.50
C MET C 26 9.60 27.68 -6.15
N MET C 27 9.97 28.97 -6.19
CA MET C 27 10.27 29.69 -4.96
C MET C 27 9.00 30.01 -4.16
N ASP C 28 7.89 30.25 -4.87
CA ASP C 28 6.59 30.38 -4.19
C ASP C 28 6.33 29.12 -3.38
N ALA C 29 6.50 27.97 -4.01
CA ALA C 29 6.22 26.69 -3.37
C ALA C 29 7.15 26.47 -2.18
N GLN C 30 8.41 26.85 -2.35
CA GLN C 30 9.38 26.71 -1.27
C GLN C 30 8.99 27.52 -0.04
N TYR C 31 8.59 28.78 -0.28
CA TYR C 31 8.20 29.67 0.81
C TYR C 31 6.98 29.13 1.55
N LYS C 32 5.99 28.69 0.79
CA LYS C 32 4.79 28.08 1.38
C LYS C 32 5.18 26.86 2.20
N CYS C 33 6.17 26.14 1.71
CA CYS C 33 6.62 24.94 2.41
C CYS C 33 7.26 25.28 3.75
N TYR C 34 8.10 26.30 3.77
CA TYR C 34 8.78 26.67 5.01
C TYR C 34 7.74 27.15 6.01
N ASP C 35 6.70 27.84 5.54
CA ASP C 35 5.60 28.22 6.40
C ASP C 35 4.89 26.98 6.92
N ARG C 36 4.65 26.02 6.03
CA ARG C 36 3.91 24.83 6.40
C ARG C 36 4.64 24.01 7.45
N MET C 37 5.96 23.90 7.29
CA MET C 37 6.76 23.10 8.21
C MET C 37 6.82 23.72 9.61
N GLN C 38 6.79 25.04 9.68
CA GLN C 38 6.78 25.73 10.96
C GLN C 38 5.44 25.60 11.66
N GLN C 39 4.36 25.57 10.88
CA GLN C 39 3.01 25.66 11.44
C GLN C 39 2.40 24.32 11.90
N LEU C 40 2.69 23.25 11.18
CA LEU C 40 2.14 21.94 11.55
C LEU C 40 2.81 21.42 12.83
N PRO C 41 2.02 20.80 13.72
CA PRO C 41 2.54 20.22 14.97
C PRO C 41 3.56 19.10 14.73
N ALA C 42 4.35 18.77 15.76
CA ALA C 42 5.29 17.66 15.68
C ALA C 42 4.53 16.36 15.47
N TYR C 43 5.20 15.35 14.91
CA TYR C 43 4.58 14.05 14.66
C TYR C 43 3.99 13.46 15.96
N GLN C 44 2.76 12.93 15.90
CA GLN C 44 2.06 12.51 17.12
C GLN C 44 2.19 11.03 17.41
N GLY C 45 2.33 10.24 16.35
CA GLY C 45 2.31 8.80 16.47
C GLY C 45 3.58 8.07 16.84
N GLU C 46 3.53 6.76 16.63
CA GLU C 46 4.66 5.88 16.84
C GLU C 46 4.85 5.04 15.58
N GLY C 47 6.07 4.55 15.34
CA GLY C 47 7.24 4.94 16.11
C GLY C 47 8.08 5.86 15.27
N PRO C 48 9.02 5.29 14.51
CA PRO C 48 9.97 6.06 13.69
C PRO C 48 9.27 6.74 12.51
N TYR C 49 9.78 7.90 12.08
CA TYR C 49 9.15 8.65 11.01
C TYR C 49 10.16 9.55 10.31
N CYS C 50 9.88 9.87 9.05
CA CYS C 50 10.74 10.78 8.30
C CYS C 50 10.23 12.19 8.47
N ASN C 51 11.16 13.08 8.79
CA ASN C 51 10.88 14.46 9.09
C ASN C 51 10.43 15.23 7.86
N ARG C 52 9.42 16.07 8.04
CA ARG C 52 9.01 17.05 7.05
C ARG C 52 10.22 17.70 6.40
N THR C 53 10.11 17.99 5.09
CA THR C 53 11.26 18.54 4.38
C THR C 53 10.89 19.18 3.05
N TRP C 54 11.66 20.20 2.66
CA TRP C 54 11.65 20.72 1.30
C TRP C 54 12.75 20.00 0.51
N ASP C 55 12.40 19.30 -0.57
CA ASP C 55 13.43 18.53 -1.27
C ASP C 55 14.13 19.35 -2.39
N GLY C 56 13.68 20.59 -2.58
CA GLY C 56 14.20 21.43 -3.65
C GLY C 56 13.12 21.79 -4.67
N TRP C 57 12.14 20.91 -4.85
CA TRP C 57 11.06 21.13 -5.80
C TRP C 57 9.70 21.02 -5.13
N LEU C 58 9.61 20.19 -4.09
CA LEU C 58 8.33 19.92 -3.44
C LEU C 58 8.45 19.79 -1.93
N CYS C 59 7.33 20.06 -1.26
CA CYS C 59 7.22 19.93 0.18
C CYS C 59 6.72 18.53 0.58
N TRP C 60 7.34 17.95 1.59
CA TRP C 60 6.89 16.65 2.11
C TRP C 60 6.62 16.74 3.62
N ASP C 61 5.46 16.24 4.06
CA ASP C 61 5.15 16.26 5.48
C ASP C 61 5.86 15.14 6.25
N ASP C 62 5.78 15.21 7.57
CA ASP C 62 6.16 14.10 8.43
C ASP C 62 5.53 12.84 7.88
N THR C 63 6.33 11.79 7.73
CA THR C 63 5.84 10.57 7.09
C THR C 63 6.31 9.34 7.90
N PRO C 64 5.37 8.44 8.22
CA PRO C 64 5.71 7.21 8.96
C PRO C 64 6.67 6.30 8.19
N ALA C 65 7.47 5.56 8.95
CA ALA C 65 8.39 4.58 8.38
C ALA C 65 7.69 3.56 7.49
N GLY C 66 8.35 3.18 6.40
CA GLY C 66 7.85 2.15 5.50
C GLY C 66 6.79 2.59 4.52
N VAL C 67 6.57 3.90 4.45
CA VAL C 67 5.53 4.45 3.61
C VAL C 67 6.14 5.03 2.34
N LEU C 68 5.53 4.72 1.20
CA LEU C 68 5.88 5.39 -0.05
C LEU C 68 4.93 6.57 -0.24
N SER C 69 5.40 7.76 0.06
CA SER C 69 4.57 8.95 -0.10
C SER C 69 4.56 9.40 -1.56
N TYR C 70 3.49 10.06 -1.98
CA TYR C 70 3.42 10.59 -3.33
C TYR C 70 2.57 11.85 -3.40
N GLN C 71 2.75 12.60 -4.48
CA GLN C 71 1.92 13.75 -4.80
C GLN C 71 2.12 14.07 -6.27
N PHE C 72 1.36 15.03 -6.80
CA PHE C 72 1.44 15.38 -8.23
C PHE C 72 2.77 16.06 -8.59
N CYS C 73 3.24 15.84 -9.82
CA CYS C 73 4.43 16.52 -10.33
C CYS C 73 4.22 18.04 -10.37
N PRO C 74 5.28 18.83 -10.12
CA PRO C 74 5.13 20.28 -10.24
C PRO C 74 5.16 20.73 -11.70
N ASP C 75 4.80 21.98 -11.99
CA ASP C 75 4.72 22.39 -13.39
C ASP C 75 5.82 23.39 -13.80
N TYR C 76 6.96 23.31 -13.11
CA TYR C 76 8.05 24.29 -13.29
C TYR C 76 8.69 24.16 -14.67
N PHE C 77 8.65 22.97 -15.23
CA PHE C 77 9.39 22.65 -16.46
C PHE C 77 8.44 22.27 -17.60
N PRO C 78 8.76 22.72 -18.82
CA PRO C 78 7.88 22.43 -19.96
C PRO C 78 7.70 20.93 -20.25
N ASP C 79 8.63 20.07 -19.89
CA ASP C 79 8.43 18.64 -20.12
C ASP C 79 7.81 17.89 -18.93
N PHE C 80 7.46 18.58 -17.85
CA PHE C 80 6.78 17.93 -16.72
C PHE C 80 5.27 17.85 -16.95
N ASP C 81 4.71 16.67 -16.69
CA ASP C 81 3.27 16.46 -16.75
C ASP C 81 2.72 16.60 -15.33
N PRO C 82 1.96 17.67 -15.05
CA PRO C 82 1.49 17.84 -13.68
C PRO C 82 0.45 16.79 -13.26
N SER C 83 0.04 15.90 -14.18
CA SER C 83 -0.92 14.86 -13.84
C SER C 83 -0.22 13.56 -13.43
N GLU C 84 1.09 13.49 -13.61
CA GLU C 84 1.88 12.38 -13.13
C GLU C 84 2.22 12.56 -11.67
N LYS C 85 2.79 11.52 -11.08
CA LYS C 85 3.09 11.50 -9.65
C LYS C 85 4.59 11.49 -9.38
N VAL C 86 4.96 12.16 -8.29
CA VAL C 86 6.27 12.09 -7.70
C VAL C 86 6.17 11.12 -6.55
N THR C 87 7.15 10.26 -6.35
CA THR C 87 7.12 9.42 -5.16
C THR C 87 8.33 9.72 -4.29
N LYS C 88 8.20 9.43 -2.99
CA LYS C 88 9.31 9.58 -2.06
C LYS C 88 9.22 8.48 -0.98
N TYR C 89 10.28 7.70 -0.80
CA TYR C 89 10.21 6.56 0.10
C TYR C 89 10.79 6.86 1.47
N CYS C 90 9.97 6.65 2.50
CA CYS C 90 10.40 6.74 3.89
C CYS C 90 10.70 5.33 4.43
N ASP C 91 11.95 5.03 4.77
CA ASP C 91 12.29 3.65 5.10
C ASP C 91 11.86 3.31 6.54
N GLU C 92 12.03 2.05 6.94
CA GLU C 92 11.47 1.59 8.22
C GLU C 92 12.25 2.05 9.45
N LYS C 93 13.40 2.68 9.26
CA LYS C 93 14.12 3.29 10.36
C LYS C 93 13.79 4.78 10.42
N GLY C 94 12.82 5.19 9.59
CA GLY C 94 12.38 6.57 9.54
C GLY C 94 13.37 7.51 8.88
N VAL C 95 14.07 7.01 7.87
CA VAL C 95 15.00 7.84 7.11
C VAL C 95 14.58 7.88 5.64
N TRP C 96 14.52 9.09 5.09
CA TRP C 96 14.17 9.26 3.68
C TRP C 96 15.19 8.56 2.80
N PHE C 97 14.69 7.91 1.75
CA PHE C 97 15.52 7.23 0.77
C PHE C 97 16.65 8.10 0.26
N LYS C 98 17.84 7.52 0.14
CA LYS C 98 18.97 8.23 -0.42
C LYS C 98 19.41 7.57 -1.72
N HIS C 99 19.68 8.39 -2.73
CA HIS C 99 20.13 7.87 -4.02
C HIS C 99 21.44 7.13 -3.82
N PRO C 100 21.55 5.91 -4.40
CA PRO C 100 22.73 5.07 -4.20
C PRO C 100 24.03 5.62 -4.79
N GLU C 101 23.93 6.54 -5.74
CA GLU C 101 25.12 7.06 -6.41
C GLU C 101 25.92 8.05 -5.55
N ASN C 102 25.22 8.96 -4.88
CA ASN C 102 25.89 10.01 -4.12
C ASN C 102 25.45 10.01 -2.65
N ASN C 103 24.63 9.03 -2.29
CA ASN C 103 24.10 8.89 -0.93
C ASN C 103 23.46 10.18 -0.43
N ARG C 104 22.72 10.86 -1.31
CA ARG C 104 21.96 12.02 -0.88
C ARG C 104 20.47 11.80 -1.02
N THR C 105 19.71 12.40 -0.11
CA THR C 105 18.25 12.24 -0.06
C THR C 105 17.64 12.57 -1.41
N TRP C 106 16.73 11.72 -1.90
CA TRP C 106 16.28 11.81 -3.28
C TRP C 106 14.82 11.40 -3.44
N SER C 107 14.04 12.33 -3.96
CA SER C 107 12.66 12.06 -4.39
C SER C 107 12.66 11.59 -5.83
N ASN C 108 11.65 10.83 -6.20
CA ASN C 108 11.56 10.22 -7.52
C ASN C 108 10.65 11.02 -8.45
N TYR C 109 11.26 11.87 -9.30
CA TYR C 109 10.52 12.66 -10.30
C TYR C 109 10.53 12.03 -11.70
N THR C 110 11.06 10.82 -11.83
CA THR C 110 11.30 10.24 -13.16
C THR C 110 10.01 10.07 -13.99
N MET C 111 8.86 9.90 -13.35
CA MET C 111 7.62 9.76 -14.15
C MET C 111 7.09 11.12 -14.64
N CYS C 112 7.55 12.21 -14.04
CA CYS C 112 7.08 13.54 -14.44
C CYS C 112 7.34 13.84 -15.92
N ASN C 113 8.45 13.34 -16.46
CA ASN C 113 8.70 13.57 -17.89
C ASN C 113 9.05 12.27 -18.62
N ALA C 114 8.59 11.14 -18.09
CA ALA C 114 8.83 9.84 -18.73
C ALA C 114 8.16 9.74 -20.10
N PHE C 115 6.99 10.33 -20.25
CA PHE C 115 6.17 10.14 -21.46
C PHE C 115 6.02 11.38 -22.34
N THR C 116 7.08 12.15 -22.52
CA THR C 116 6.98 13.39 -23.29
C THR C 116 7.13 13.16 -24.79
N THR D 14 26.80 -9.96 -13.36
CA THR D 14 25.98 -9.11 -14.20
C THR D 14 25.11 -9.92 -15.16
N PRO D 16 21.70 -9.58 -18.35
CA PRO D 16 20.85 -8.78 -19.23
C PRO D 16 19.86 -7.96 -18.42
N ARG D 17 19.52 -6.78 -18.91
CA ARG D 17 18.58 -5.91 -18.23
C ARG D 17 17.14 -6.27 -18.61
N THR D 18 16.31 -6.46 -17.58
CA THR D 18 14.87 -6.69 -17.74
C THR D 18 14.18 -5.44 -18.31
N ASN D 19 13.38 -5.62 -19.36
CA ASN D 19 12.62 -4.53 -19.95
C ASN D 19 11.41 -4.22 -19.05
N THR D 20 11.19 -2.94 -18.78
CA THR D 20 10.05 -2.51 -17.97
C THR D 20 9.20 -1.46 -18.70
N GLY D 21 9.44 -1.29 -20.00
CA GLY D 21 8.73 -0.28 -20.78
C GLY D 21 7.36 -0.72 -21.27
N SER D 22 6.89 -0.10 -22.35
CA SER D 22 5.57 -0.44 -22.89
C SER D 22 5.62 -1.86 -23.43
N GLY D 23 4.51 -2.56 -23.34
CA GLY D 23 4.49 -3.96 -23.77
C GLY D 23 4.96 -4.95 -22.70
N THR D 24 5.36 -4.44 -21.54
CA THR D 24 5.65 -5.27 -20.36
C THR D 24 4.57 -5.02 -19.32
N ARG E 17 -3.88 7.02 16.82
CA ARG E 17 -4.37 5.88 17.59
C ARG E 17 -5.49 5.14 16.86
N THR E 18 -5.32 3.83 16.70
CA THR E 18 -6.31 3.00 16.01
C THR E 18 -7.56 2.85 16.88
N ASN E 19 -8.73 3.13 16.32
CA ASN E 19 -9.98 2.99 17.07
C ASN E 19 -10.30 1.50 17.19
N THR E 20 -10.66 1.05 18.38
CA THR E 20 -11.01 -0.35 18.60
C THR E 20 -12.36 -0.42 19.32
N GLY E 21 -13.09 0.70 19.34
CA GLY E 21 -14.40 0.74 19.96
C GLY E 21 -15.50 0.15 19.10
N SER E 22 -16.75 0.47 19.44
CA SER E 22 -17.88 -0.04 18.67
C SER E 22 -17.82 0.55 17.29
N GLY E 23 -18.40 -0.11 16.31
CA GLY E 23 -18.21 0.33 14.94
C GLY E 23 -16.89 -0.07 14.29
N THR E 24 -16.01 -0.71 15.05
CA THR E 24 -14.80 -1.30 14.48
C THR E 24 -14.96 -2.83 14.54
N THR F 14 18.12 19.57 -30.20
CA THR F 14 18.69 19.38 -28.88
C THR F 14 17.77 19.95 -27.80
N PRO F 16 15.94 20.34 -24.55
CA PRO F 16 16.49 19.86 -23.28
C PRO F 16 15.51 19.04 -22.44
N ARG F 17 16.00 17.91 -21.93
CA ARG F 17 15.23 17.06 -21.04
C ARG F 17 15.58 17.45 -19.61
N THR F 18 14.57 17.66 -18.76
CA THR F 18 14.89 17.96 -17.35
C THR F 18 15.52 16.75 -16.66
N ASN F 19 16.66 16.95 -16.01
CA ASN F 19 17.34 15.87 -15.31
C ASN F 19 16.62 15.55 -13.99
N THR F 20 16.42 14.26 -13.72
CA THR F 20 15.79 13.85 -12.48
C THR F 20 16.62 12.80 -11.73
N GLY F 21 17.88 12.64 -12.13
CA GLY F 21 18.75 11.65 -11.52
C GLY F 21 19.40 12.12 -10.23
N SER F 22 20.54 11.53 -9.88
CA SER F 22 21.21 11.91 -8.64
C SER F 22 21.69 13.35 -8.75
N GLY F 23 21.69 14.05 -7.63
CA GLY F 23 22.05 15.46 -7.66
C GLY F 23 20.89 16.36 -8.02
N THR F 24 19.72 15.78 -8.25
CA THR F 24 18.49 16.56 -8.42
C THR F 24 17.62 16.30 -7.20
#